data_2M6V
#
_entry.id   2M6V
#
_entity_poly.entity_id   1
_entity_poly.type   'polydeoxyribonucleotide'
_entity_poly.pdbx_seq_one_letter_code
;(DG)(DG)(DG)(DT)(DT)(DG)(DG)(DG)(DT)(DT)(DT)(DT)(DG)(DG)(DG)(DT)(DG)(DG)(DG)
;
_entity_poly.pdbx_strand_id   A
#